data_9HFG
#
_entry.id   9HFG
#
_cell.length_a   85.789
_cell.length_b   85.789
_cell.length_c   91.420
_cell.angle_alpha   90.00
_cell.angle_beta   90.00
_cell.angle_gamma   120.00
#
_symmetry.space_group_name_H-M   'P 31 2 1'
#
loop_
_entity.id
_entity.type
_entity.pdbx_description
1 polymer 'Telomeric repeat-binding factor 1'
2 non-polymer GLYCEROL
3 non-polymer 2-methoxy-N-[(4-methylphenyl)methyl]acetamide
4 non-polymer 'DIMETHYL SULFOXIDE'
5 water water
#
_entity_poly.entity_id   1
_entity_poly.type   'polypeptide(L)'
_entity_poly.pdbx_seq_one_letter_code
;SNAQVQVGAPEEEEEEEEDAGLVAEAEAVAAGWMLDFLCLSLCRAFRDGRSEDFRRTRNSAEAIIHGLSSLTACQLRTIY
ICQFLTRIAAGKTLDAQFENDERITPLESALMIWGSIEKEHDKLHEEIQNLIKIQAIAVCMENGNFKEAEEVFERIFGDP
NSHMPFKSKLLMIISQKDTFHSFFQHFSYNHMMEKIKSYVNYVLSEKSSTFLMKAAAKVVESKR
;
_entity_poly.pdbx_strand_id   A
#
loop_
_chem_comp.id
_chem_comp.type
_chem_comp.name
_chem_comp.formula
A1A34 non-polymer 2-methoxy-N-[(4-methylphenyl)methyl]acetamide 'C11 H15 N O2'
DMS non-polymer 'DIMETHYL SULFOXIDE' 'C2 H6 O S'
GOL non-polymer GLYCEROL 'C3 H8 O3'
#
# COMPACT_ATOMS: atom_id res chain seq x y z
N GLU A 18 -39.15 -13.14 -5.20
CA GLU A 18 -37.75 -12.74 -4.98
C GLU A 18 -36.94 -13.92 -4.43
N ASP A 19 -35.82 -14.25 -5.09
CA ASP A 19 -34.98 -15.34 -4.64
C ASP A 19 -33.82 -14.78 -3.80
N ALA A 20 -33.73 -15.18 -2.52
CA ALA A 20 -32.71 -14.74 -1.57
C ALA A 20 -31.27 -15.03 -2.01
N GLY A 21 -31.07 -16.17 -2.66
CA GLY A 21 -29.75 -16.55 -3.16
C GLY A 21 -29.30 -15.67 -4.31
N LEU A 22 -30.23 -15.34 -5.23
CA LEU A 22 -29.91 -14.47 -6.37
C LEU A 22 -29.70 -13.02 -5.92
N VAL A 23 -30.40 -12.58 -4.86
CA VAL A 23 -30.20 -11.23 -4.33
C VAL A 23 -28.81 -11.18 -3.71
N ALA A 24 -28.43 -12.19 -2.89
CA ALA A 24 -27.11 -12.25 -2.25
C ALA A 24 -26.01 -12.30 -3.31
N GLU A 25 -26.22 -13.06 -4.41
CA GLU A 25 -25.23 -13.10 -5.49
C GLU A 25 -25.02 -11.72 -6.13
N ALA A 26 -26.10 -10.97 -6.35
CA ALA A 26 -26.00 -9.63 -6.95
C ALA A 26 -25.25 -8.68 -6.01
N GLU A 27 -25.45 -8.83 -4.68
CA GLU A 27 -24.72 -8.03 -3.69
C GLU A 27 -23.22 -8.34 -3.70
N ALA A 28 -22.85 -9.61 -3.92
CA ALA A 28 -21.44 -9.99 -3.99
C ALA A 28 -20.79 -9.45 -5.30
N VAL A 29 -21.54 -9.47 -6.44
CA VAL A 29 -21.08 -8.93 -7.71
C VAL A 29 -20.80 -7.41 -7.52
N ALA A 30 -21.73 -6.70 -6.87
CA ALA A 30 -21.62 -5.27 -6.63
C ALA A 30 -20.50 -4.92 -5.67
N ALA A 31 -20.28 -5.75 -4.63
CA ALA A 31 -19.16 -5.57 -3.68
C ALA A 31 -17.81 -5.66 -4.46
N GLY A 32 -17.72 -6.59 -5.38
CA GLY A 32 -16.54 -6.76 -6.23
C GLY A 32 -16.26 -5.52 -7.06
N TRP A 33 -17.32 -4.94 -7.68
CA TRP A 33 -17.22 -3.70 -8.46
C TRP A 33 -16.79 -2.53 -7.56
N MET A 34 -17.40 -2.43 -6.37
CA MET A 34 -17.04 -1.37 -5.43
C MET A 34 -15.59 -1.48 -4.95
N LEU A 35 -15.09 -2.72 -4.75
CA LEU A 35 -13.70 -2.96 -4.33
C LEU A 35 -12.70 -2.43 -5.38
N ASP A 36 -12.92 -2.74 -6.67
CA ASP A 36 -12.03 -2.27 -7.72
C ASP A 36 -12.06 -0.74 -7.81
N PHE A 37 -13.28 -0.16 -7.75
CA PHE A 37 -13.45 1.28 -7.82
C PHE A 37 -12.71 1.98 -6.67
N LEU A 38 -12.86 1.46 -5.45
CA LEU A 38 -12.21 2.01 -4.28
C LEU A 38 -10.69 1.78 -4.30
N CYS A 39 -10.19 0.68 -4.90
CA CYS A 39 -8.75 0.46 -5.05
C CYS A 39 -8.17 1.55 -5.97
N LEU A 40 -8.87 1.80 -7.10
CA LEU A 40 -8.47 2.81 -8.06
C LEU A 40 -8.44 4.20 -7.40
N SER A 41 -9.44 4.51 -6.58
CA SER A 41 -9.49 5.80 -5.87
C SER A 41 -8.38 5.92 -4.83
N LEU A 42 -8.07 4.83 -4.13
CA LEU A 42 -7.03 4.77 -3.11
C LEU A 42 -5.65 4.99 -3.75
N CYS A 43 -5.41 4.35 -4.91
CA CYS A 43 -4.17 4.48 -5.70
C CYS A 43 -3.96 5.92 -6.17
N ARG A 44 -5.01 6.58 -6.65
CA ARG A 44 -4.89 7.96 -7.12
C ARG A 44 -4.64 8.91 -5.96
N ALA A 45 -5.31 8.68 -4.81
CA ALA A 45 -5.13 9.53 -3.64
C ALA A 45 -3.73 9.38 -3.08
N PHE A 46 -3.18 8.14 -3.10
CA PHE A 46 -1.80 7.87 -2.66
C PHE A 46 -0.84 8.61 -3.60
N ARG A 47 -1.05 8.47 -4.91
CA ARG A 47 -0.21 9.13 -5.93
C ARG A 47 -0.21 10.65 -5.76
N ASP A 48 -1.40 11.24 -5.55
CA ASP A 48 -1.59 12.68 -5.43
C ASP A 48 -1.23 13.27 -4.06
N GLY A 49 -1.07 12.43 -3.05
CA GLY A 49 -0.79 12.91 -1.70
C GLY A 49 -2.01 13.55 -1.07
N ARG A 50 -3.21 13.08 -1.43
CA ARG A 50 -4.44 13.62 -0.86
C ARG A 50 -4.74 12.75 0.37
N SER A 51 -4.15 13.10 1.52
CA SER A 51 -4.25 12.33 2.76
C SER A 51 -5.64 12.07 3.28
N GLU A 52 -6.49 13.10 3.32
CA GLU A 52 -7.84 13.00 3.83
C GLU A 52 -8.70 12.16 2.90
N ASP A 53 -8.52 12.31 1.58
CA ASP A 53 -9.25 11.50 0.60
C ASP A 53 -8.81 10.04 0.71
N PHE A 54 -7.49 9.82 0.90
CA PHE A 54 -6.93 8.48 1.10
C PHE A 54 -7.56 7.84 2.36
N ARG A 55 -7.57 8.56 3.49
CA ARG A 55 -8.17 8.05 4.73
C ARG A 55 -9.65 7.68 4.53
N ARG A 56 -10.42 8.52 3.83
CA ARG A 56 -11.85 8.21 3.58
C ARG A 56 -12.05 6.98 2.70
N THR A 57 -11.27 6.89 1.61
CA THR A 57 -11.35 5.76 0.67
C THR A 57 -10.96 4.46 1.32
N ARG A 58 -9.89 4.48 2.13
CA ARG A 58 -9.38 3.35 2.90
C ARG A 58 -10.50 2.83 3.83
N ASN A 59 -11.20 3.72 4.55
CA ASN A 59 -12.27 3.35 5.46
C ASN A 59 -13.45 2.72 4.70
N SER A 60 -13.80 3.28 3.54
CA SER A 60 -14.88 2.73 2.71
C SER A 60 -14.52 1.34 2.17
N ALA A 61 -13.27 1.16 1.66
CA ALA A 61 -12.81 -0.12 1.10
C ALA A 61 -12.77 -1.17 2.20
N GLU A 62 -12.27 -0.81 3.38
CA GLU A 62 -12.22 -1.70 4.53
C GLU A 62 -13.62 -2.19 4.92
N ALA A 63 -14.61 -1.29 4.98
CA ALA A 63 -15.98 -1.65 5.31
C ALA A 63 -16.62 -2.51 4.20
N ILE A 64 -16.44 -2.13 2.92
CA ILE A 64 -17.04 -2.84 1.80
C ILE A 64 -16.62 -4.31 1.71
N ILE A 65 -15.33 -4.61 1.96
CA ILE A 65 -14.87 -5.99 1.83
C ILE A 65 -15.39 -6.91 2.92
N HIS A 66 -16.06 -6.40 3.97
CA HIS A 66 -16.74 -7.27 4.95
C HIS A 66 -17.97 -7.93 4.27
N GLY A 67 -18.45 -7.36 3.16
CA GLY A 67 -19.54 -7.94 2.38
C GLY A 67 -19.12 -9.12 1.55
N LEU A 68 -17.81 -9.46 1.54
CA LEU A 68 -17.27 -10.60 0.81
C LEU A 68 -16.68 -11.64 1.77
N SER A 69 -17.16 -12.87 1.72
CA SER A 69 -16.58 -13.95 2.54
C SER A 69 -15.70 -14.92 1.70
N SER A 70 -15.75 -14.80 0.36
CA SER A 70 -15.00 -15.62 -0.55
C SER A 70 -14.39 -14.71 -1.61
N LEU A 71 -13.07 -14.77 -1.81
CA LEU A 71 -12.40 -13.91 -2.79
C LEU A 71 -11.64 -14.70 -3.85
N THR A 72 -11.68 -14.22 -5.10
CA THR A 72 -10.87 -14.82 -6.16
C THR A 72 -9.38 -14.39 -5.94
N ALA A 73 -8.46 -14.97 -6.73
CA ALA A 73 -7.04 -14.59 -6.65
C ALA A 73 -6.84 -13.10 -6.96
N CYS A 74 -7.61 -12.57 -7.93
N CYS A 74 -7.59 -12.56 -7.93
CA CYS A 74 -7.55 -11.16 -8.35
CA CYS A 74 -7.48 -11.14 -8.30
C CYS A 74 -7.98 -10.24 -7.21
C CYS A 74 -7.96 -10.24 -7.16
N GLN A 75 -9.06 -10.61 -6.51
CA GLN A 75 -9.60 -9.84 -5.38
C GLN A 75 -8.68 -9.86 -4.18
N LEU A 76 -8.00 -10.99 -3.91
CA LEU A 76 -7.02 -11.10 -2.82
C LEU A 76 -5.87 -10.12 -3.11
N ARG A 77 -5.35 -10.13 -4.35
CA ARG A 77 -4.29 -9.19 -4.73
C ARG A 77 -4.73 -7.74 -4.54
N THR A 78 -5.98 -7.42 -4.90
CA THR A 78 -6.55 -6.08 -4.74
C THR A 78 -6.59 -5.66 -3.27
N ILE A 79 -7.15 -6.51 -2.37
CA ILE A 79 -7.19 -6.13 -0.96
C ILE A 79 -5.79 -6.04 -0.36
N TYR A 80 -4.83 -6.89 -0.76
CA TYR A 80 -3.48 -6.84 -0.20
C TYR A 80 -2.73 -5.60 -0.69
N ILE A 81 -3.00 -5.13 -1.91
CA ILE A 81 -2.40 -3.88 -2.41
C ILE A 81 -2.93 -2.71 -1.54
N CYS A 82 -4.24 -2.72 -1.25
CA CYS A 82 -4.88 -1.72 -0.42
C CYS A 82 -4.33 -1.72 1.04
N GLN A 83 -4.16 -2.91 1.64
CA GLN A 83 -3.58 -3.01 2.98
C GLN A 83 -2.12 -2.54 2.96
N PHE A 84 -1.35 -2.91 1.94
CA PHE A 84 0.04 -2.48 1.78
C PHE A 84 0.15 -0.93 1.74
N LEU A 85 -0.65 -0.26 0.87
CA LEU A 85 -0.63 1.20 0.77
C LEU A 85 -1.07 1.87 2.07
N THR A 86 -2.00 1.25 2.81
CA THR A 86 -2.46 1.77 4.10
C THR A 86 -1.26 1.84 5.09
N ARG A 87 -0.43 0.78 5.15
CA ARG A 87 0.74 0.75 6.02
C ARG A 87 1.80 1.75 5.56
N ILE A 88 2.06 1.84 4.23
CA ILE A 88 3.06 2.79 3.69
C ILE A 88 2.62 4.22 4.01
N ALA A 89 1.30 4.52 3.91
CA ALA A 89 0.81 5.87 4.20
C ALA A 89 0.95 6.21 5.67
N ALA A 90 0.82 5.21 6.57
CA ALA A 90 1.00 5.40 8.02
C ALA A 90 2.46 5.19 8.49
N GLY A 91 3.41 5.09 7.55
CA GLY A 91 4.82 4.79 7.79
C GLY A 91 5.52 5.58 8.88
N LYS A 92 5.27 6.89 8.93
CA LYS A 92 5.88 7.72 9.96
C LYS A 92 5.04 7.87 11.22
N THR A 93 3.82 7.31 11.24
CA THR A 93 2.89 7.38 12.36
C THR A 93 3.11 6.18 13.29
N ASP A 101 -3.44 -5.23 16.39
CA ASP A 101 -2.86 -5.70 17.65
C ASP A 101 -1.45 -6.27 17.43
N GLU A 102 -0.63 -5.60 16.63
CA GLU A 102 0.72 -6.10 16.33
C GLU A 102 1.82 -5.33 17.06
N ARG A 103 2.89 -6.03 17.44
CA ARG A 103 4.01 -5.42 18.13
C ARG A 103 5.14 -5.09 17.13
N ILE A 104 4.76 -4.60 15.93
CA ILE A 104 5.66 -4.17 14.88
C ILE A 104 5.16 -2.80 14.33
N THR A 105 6.01 -2.12 13.60
CA THR A 105 5.67 -0.82 13.02
C THR A 105 4.93 -0.96 11.70
N PRO A 106 4.23 0.10 11.24
CA PRO A 106 3.54 0.01 9.95
C PRO A 106 4.42 -0.40 8.75
N LEU A 107 5.65 0.14 8.63
CA LEU A 107 6.54 -0.24 7.53
C LEU A 107 6.95 -1.71 7.62
N GLU A 108 7.08 -2.26 8.83
CA GLU A 108 7.36 -3.69 9.00
C GLU A 108 6.16 -4.53 8.54
N SER A 109 4.94 -4.06 8.80
CA SER A 109 3.72 -4.74 8.38
C SER A 109 3.58 -4.66 6.85
N ALA A 110 3.93 -3.51 6.24
CA ALA A 110 3.93 -3.33 4.79
C ALA A 110 4.89 -4.34 4.15
N LEU A 111 6.09 -4.54 4.74
CA LEU A 111 7.11 -5.49 4.27
C LEU A 111 6.56 -6.93 4.31
N MET A 112 5.76 -7.28 5.32
CA MET A 112 5.19 -8.61 5.41
C MET A 112 4.19 -8.82 4.27
N ILE A 113 3.38 -7.80 3.97
CA ILE A 113 2.40 -7.92 2.89
C ILE A 113 3.11 -7.99 1.55
N TRP A 114 4.10 -7.11 1.35
CA TRP A 114 4.87 -7.04 0.12
C TRP A 114 5.53 -8.37 -0.23
N GLY A 115 6.11 -9.06 0.75
CA GLY A 115 6.79 -10.31 0.51
C GLY A 115 5.89 -11.51 0.30
N SER A 116 4.57 -11.35 0.44
CA SER A 116 3.64 -12.47 0.30
C SER A 116 2.57 -12.28 -0.75
N ILE A 117 2.49 -11.09 -1.39
CA ILE A 117 1.50 -10.85 -2.45
C ILE A 117 1.84 -11.78 -3.62
N GLU A 118 0.81 -12.38 -4.25
CA GLU A 118 1.03 -13.22 -5.42
C GLU A 118 1.38 -12.26 -6.57
N LYS A 119 2.69 -12.04 -6.79
CA LYS A 119 3.20 -11.12 -7.81
C LYS A 119 4.65 -11.48 -8.19
N GLU A 120 5.11 -10.99 -9.34
CA GLU A 120 6.47 -11.28 -9.80
C GLU A 120 7.54 -10.61 -8.94
N HIS A 121 8.57 -11.37 -8.57
CA HIS A 121 9.69 -10.80 -7.82
C HIS A 121 10.76 -10.32 -8.81
N ASP A 122 10.41 -9.25 -9.53
CA ASP A 122 11.27 -8.60 -10.50
C ASP A 122 12.23 -7.61 -9.76
N LYS A 123 13.01 -6.83 -10.52
CA LYS A 123 13.93 -5.86 -9.94
C LYS A 123 13.17 -4.78 -9.18
N LEU A 124 12.01 -4.33 -9.70
CA LEU A 124 11.22 -3.30 -9.01
C LEU A 124 10.71 -3.81 -7.65
N HIS A 125 10.33 -5.10 -7.57
CA HIS A 125 9.86 -5.67 -6.30
C HIS A 125 10.95 -5.63 -5.24
N GLU A 126 12.15 -6.05 -5.63
CA GLU A 126 13.30 -6.09 -4.75
C GLU A 126 13.74 -4.69 -4.34
N GLU A 127 13.64 -3.70 -5.26
CA GLU A 127 14.00 -2.32 -4.97
C GLU A 127 13.09 -1.77 -3.88
N ILE A 128 11.79 -1.97 -4.03
CA ILE A 128 10.81 -1.52 -3.05
C ILE A 128 11.04 -2.23 -1.71
N GLN A 129 11.28 -3.55 -1.74
CA GLN A 129 11.53 -4.34 -0.54
C GLN A 129 12.69 -3.76 0.29
N ASN A 130 13.86 -3.53 -0.34
CA ASN A 130 15.04 -3.01 0.33
C ASN A 130 14.87 -1.58 0.81
N LEU A 131 14.13 -0.73 0.07
CA LEU A 131 13.88 0.63 0.51
C LEU A 131 13.00 0.64 1.77
N ILE A 132 11.97 -0.24 1.83
CA ILE A 132 11.10 -0.31 3.00
C ILE A 132 11.89 -0.83 4.21
N LYS A 133 12.76 -1.84 4.00
CA LYS A 133 13.57 -2.43 5.08
C LYS A 133 14.45 -1.37 5.76
N ILE A 134 15.08 -0.49 4.97
CA ILE A 134 15.95 0.53 5.53
C ILE A 134 15.13 1.69 6.10
N GLN A 135 14.04 2.07 5.42
CA GLN A 135 13.19 3.15 5.92
C GLN A 135 12.43 2.77 7.19
N ALA A 136 12.21 1.47 7.43
CA ALA A 136 11.53 1.03 8.66
C ALA A 136 12.41 1.41 9.88
N ILE A 137 13.73 1.39 9.72
CA ILE A 137 14.68 1.83 10.72
C ILE A 137 14.76 3.36 10.67
N ALA A 138 14.99 3.96 9.48
CA ALA A 138 15.18 5.40 9.39
C ALA A 138 14.01 6.24 9.90
N VAL A 139 12.76 5.79 9.73
CA VAL A 139 11.63 6.60 10.25
C VAL A 139 11.65 6.67 11.78
N CYS A 140 12.16 5.63 12.46
CA CYS A 140 12.29 5.65 13.92
C CYS A 140 13.35 6.66 14.33
N MET A 141 14.47 6.70 13.62
CA MET A 141 15.55 7.65 13.88
C MET A 141 15.04 9.08 13.64
N GLU A 142 14.25 9.28 12.57
CA GLU A 142 13.69 10.61 12.28
C GLU A 142 12.82 11.12 13.46
N ASN A 143 12.01 10.22 14.03
CA ASN A 143 11.17 10.55 15.18
C ASN A 143 11.95 10.60 16.53
N GLY A 144 13.26 10.38 16.52
CA GLY A 144 14.07 10.39 17.73
C GLY A 144 13.93 9.16 18.61
N ASN A 145 13.37 8.07 18.07
CA ASN A 145 13.22 6.81 18.83
C ASN A 145 14.29 5.81 18.37
N PHE A 146 15.49 5.88 18.95
CA PHE A 146 16.61 5.03 18.48
C PHE A 146 16.53 3.63 19.08
N LYS A 147 15.91 3.50 20.26
CA LYS A 147 15.70 2.15 20.84
C LYS A 147 14.79 1.35 19.89
N GLU A 148 13.72 1.97 19.40
CA GLU A 148 12.79 1.29 18.47
C GLU A 148 13.52 0.99 17.17
N ALA A 149 14.39 1.90 16.74
CA ALA A 149 15.16 1.69 15.49
C ALA A 149 15.99 0.41 15.63
N GLU A 150 16.58 0.20 16.81
CA GLU A 150 17.39 -1.02 17.06
C GLU A 150 16.46 -2.25 17.11
N GLU A 151 15.29 -2.11 17.72
CA GLU A 151 14.30 -3.22 17.82
C GLU A 151 13.82 -3.57 16.40
N VAL A 152 13.56 -2.57 15.57
CA VAL A 152 13.14 -2.82 14.19
C VAL A 152 14.28 -3.54 13.45
N PHE A 153 15.53 -3.04 13.58
CA PHE A 153 16.69 -3.65 12.97
C PHE A 153 16.83 -5.12 13.39
N GLU A 154 16.63 -5.42 14.68
CA GLU A 154 16.76 -6.80 15.16
C GLU A 154 15.71 -7.71 14.55
N ARG A 155 14.47 -7.21 14.42
CA ARG A 155 13.40 -8.00 13.84
C ARG A 155 13.58 -8.24 12.32
N ILE A 156 14.10 -7.25 11.59
CA ILE A 156 14.28 -7.37 10.14
C ILE A 156 15.60 -8.09 9.75
N PHE A 157 16.71 -7.76 10.42
CA PHE A 157 18.04 -8.25 10.09
C PHE A 157 18.69 -9.20 11.11
N GLY A 158 18.00 -9.47 12.21
N LYS A 167 25.34 -5.41 8.05
CA LYS A 167 24.53 -5.46 9.28
C LYS A 167 25.23 -4.69 10.41
N SER A 168 26.51 -4.98 10.66
N SER A 168 26.51 -4.99 10.65
CA SER A 168 27.27 -4.29 11.71
CA SER A 168 27.28 -4.30 11.69
C SER A 168 27.43 -2.78 11.41
C SER A 168 27.46 -2.80 11.40
N LYS A 169 27.41 -2.41 10.11
CA LYS A 169 27.54 -1.01 9.68
C LYS A 169 26.22 -0.27 9.96
N LEU A 170 25.09 -0.93 9.72
CA LEU A 170 23.78 -0.35 9.97
C LEU A 170 23.51 -0.20 11.46
N LEU A 171 23.93 -1.18 12.27
CA LEU A 171 23.75 -1.10 13.72
C LEU A 171 24.67 0.02 14.32
N MET A 172 25.87 0.26 13.74
CA MET A 172 26.73 1.34 14.21
C MET A 172 26.11 2.70 13.90
N ILE A 173 25.48 2.83 12.73
CA ILE A 173 24.77 4.03 12.31
C ILE A 173 23.63 4.36 13.29
N ILE A 174 22.83 3.34 13.67
CA ILE A 174 21.72 3.55 14.59
C ILE A 174 22.27 3.94 15.96
N SER A 175 23.29 3.20 16.44
CA SER A 175 23.94 3.45 17.72
C SER A 175 24.54 4.88 17.82
N GLN A 176 25.05 5.39 16.70
CA GLN A 176 25.63 6.72 16.65
C GLN A 176 24.59 7.83 16.35
N LYS A 177 23.31 7.48 16.18
CA LYS A 177 22.24 8.43 15.83
C LYS A 177 22.62 9.20 14.56
N ASP A 178 23.23 8.49 13.61
CA ASP A 178 23.73 9.08 12.39
C ASP A 178 22.63 9.03 11.33
N THR A 179 21.55 9.79 11.59
CA THR A 179 20.35 9.82 10.75
C THR A 179 20.62 10.26 9.32
N PHE A 180 21.63 11.11 9.11
CA PHE A 180 21.90 11.64 7.77
C PHE A 180 23.15 11.03 7.14
N HIS A 181 23.50 9.78 7.54
CA HIS A 181 24.59 9.02 6.93
C HIS A 181 24.25 8.86 5.43
N SER A 182 25.28 8.94 4.56
CA SER A 182 25.10 8.84 3.12
C SER A 182 24.34 7.57 2.69
N PHE A 183 24.37 6.49 3.48
CA PHE A 183 23.63 5.25 3.18
C PHE A 183 22.14 5.55 3.13
N PHE A 184 21.66 6.33 4.10
CA PHE A 184 20.26 6.74 4.23
C PHE A 184 19.80 7.73 3.20
N GLN A 185 20.75 8.40 2.51
CA GLN A 185 20.45 9.34 1.46
C GLN A 185 20.23 8.61 0.12
N HIS A 186 20.89 7.44 -0.09
CA HIS A 186 20.57 6.62 -1.27
C HIS A 186 19.27 5.83 -0.98
N PHE A 187 19.17 5.25 0.22
CA PHE A 187 17.97 4.49 0.63
C PHE A 187 17.05 5.41 1.43
N SER A 188 16.61 6.49 0.79
CA SER A 188 15.81 7.54 1.38
C SER A 188 14.29 7.29 1.39
N TYR A 189 13.57 8.11 2.15
CA TYR A 189 12.13 8.03 2.24
C TYR A 189 11.53 8.45 0.89
N ASN A 190 12.07 9.54 0.30
CA ASN A 190 11.64 10.05 -0.99
C ASN A 190 11.85 8.99 -2.06
N HIS A 191 12.99 8.30 -2.06
CA HIS A 191 13.24 7.22 -3.03
C HIS A 191 12.28 6.06 -2.84
N MET A 192 11.94 5.75 -1.58
CA MET A 192 10.97 4.69 -1.30
C MET A 192 9.60 5.09 -1.86
N MET A 193 9.18 6.33 -1.62
CA MET A 193 7.90 6.81 -2.11
C MET A 193 7.84 6.88 -3.64
N GLU A 194 8.94 7.32 -4.29
CA GLU A 194 9.01 7.39 -5.76
C GLU A 194 8.85 6.00 -6.38
N LYS A 195 9.58 5.00 -5.85
CA LYS A 195 9.50 3.63 -6.37
C LYS A 195 8.12 3.03 -6.13
N ILE A 196 7.51 3.30 -4.98
CA ILE A 196 6.18 2.77 -4.69
C ILE A 196 5.14 3.46 -5.58
N LYS A 197 5.28 4.75 -5.84
CA LYS A 197 4.40 5.47 -6.74
C LYS A 197 4.48 4.94 -8.18
N SER A 198 5.68 4.54 -8.67
N SER A 198 5.68 4.55 -8.66
CA SER A 198 5.78 3.94 -10.00
CA SER A 198 5.79 3.95 -9.99
C SER A 198 5.00 2.61 -10.03
C SER A 198 5.03 2.61 -10.02
N TYR A 199 5.08 1.83 -8.94
CA TYR A 199 4.34 0.56 -8.84
C TYR A 199 2.81 0.87 -8.85
N VAL A 200 2.39 1.88 -8.10
CA VAL A 200 1.00 2.33 -8.02
C VAL A 200 0.45 2.71 -9.39
N ASN A 201 1.27 3.38 -10.24
CA ASN A 201 0.86 3.77 -11.59
C ASN A 201 0.55 2.56 -12.48
N TYR A 202 1.23 1.42 -12.24
CA TYR A 202 0.96 0.20 -12.99
C TYR A 202 -0.39 -0.38 -12.54
N VAL A 203 -0.67 -0.40 -11.20
CA VAL A 203 -1.94 -0.88 -10.65
C VAL A 203 -3.08 -0.01 -11.18
N LEU A 204 -2.86 1.32 -11.15
CA LEU A 204 -3.79 2.33 -11.62
C LEU A 204 -4.16 2.10 -13.09
N SER A 205 -3.18 1.85 -13.97
N SER A 205 -3.18 1.85 -13.96
CA SER A 205 -3.46 1.62 -15.38
CA SER A 205 -3.46 1.62 -15.38
C SER A 205 -4.19 0.29 -15.59
C SER A 205 -4.18 0.29 -15.59
N GLU A 206 -3.82 -0.73 -14.82
CA GLU A 206 -4.44 -2.06 -14.91
C GLU A 206 -5.91 -2.04 -14.52
N LYS A 207 -6.29 -1.18 -13.56
CA LYS A 207 -7.67 -1.09 -13.08
C LYS A 207 -8.48 0.07 -13.63
N SER A 208 -7.86 0.96 -14.43
N SER A 208 -7.88 0.96 -14.42
CA SER A 208 -8.52 2.13 -15.02
CA SER A 208 -8.58 2.13 -14.96
C SER A 208 -9.75 1.80 -15.87
C SER A 208 -9.77 1.78 -15.86
N SER A 209 -9.84 0.55 -16.37
CA SER A 209 -10.95 0.13 -17.21
C SER A 209 -11.99 -0.73 -16.46
N THR A 210 -11.90 -0.84 -15.13
CA THR A 210 -12.86 -1.62 -14.36
C THR A 210 -14.27 -0.98 -14.46
N PHE A 211 -15.31 -1.81 -14.35
CA PHE A 211 -16.71 -1.46 -14.58
C PHE A 211 -17.22 -0.13 -13.98
N LEU A 212 -17.12 0.06 -12.66
CA LEU A 212 -17.70 1.22 -12.00
C LEU A 212 -17.06 2.56 -12.43
N MET A 213 -15.73 2.65 -12.53
CA MET A 213 -15.09 3.91 -12.95
C MET A 213 -15.39 4.23 -14.41
N LYS A 214 -15.44 3.20 -15.25
CA LYS A 214 -15.71 3.36 -16.66
C LYS A 214 -17.13 3.90 -16.88
N ALA A 215 -18.11 3.36 -16.14
CA ALA A 215 -19.49 3.82 -16.26
C ALA A 215 -19.66 5.21 -15.65
N ALA A 216 -18.91 5.54 -14.59
CA ALA A 216 -18.98 6.85 -13.95
C ALA A 216 -18.34 7.92 -14.82
N ALA A 217 -17.24 7.59 -15.52
CA ALA A 217 -16.56 8.53 -16.41
C ALA A 217 -17.45 8.88 -17.61
N LYS A 218 -18.24 7.90 -18.10
CA LYS A 218 -19.17 8.08 -19.21
C LYS A 218 -20.25 9.09 -18.82
N VAL A 219 -20.76 9.01 -17.59
CA VAL A 219 -21.80 9.92 -17.12
C VAL A 219 -21.28 11.34 -17.05
N VAL A 220 -20.06 11.51 -16.51
CA VAL A 220 -19.43 12.82 -16.39
C VAL A 220 -19.13 13.41 -17.77
N GLU A 221 -18.64 12.58 -18.70
CA GLU A 221 -18.32 13.03 -20.05
C GLU A 221 -19.56 13.46 -20.85
N SER A 222 -20.73 12.88 -20.53
N SER A 222 -20.73 12.88 -20.52
CA SER A 222 -21.98 13.22 -21.21
CA SER A 222 -21.99 13.21 -21.19
C SER A 222 -22.44 14.65 -20.89
C SER A 222 -22.47 14.63 -20.87
N LYS A 223 -22.12 15.16 -19.70
CA LYS A 223 -22.52 16.52 -19.31
C LYS A 223 -21.56 17.56 -19.92
N ARG A 224 -20.26 17.25 -19.96
CA ARG A 224 -19.23 18.12 -20.50
C1 GOL B . 1.22 9.05 -0.55
O1 GOL B . 2.11 10.10 -0.83
C2 GOL B . 0.77 9.05 0.90
O2 GOL B . 1.91 9.23 1.75
C3 GOL B . -0.29 10.10 1.18
O3 GOL B . -1.53 9.77 0.58
C4 A1A34 C . -7.83 -1.43 4.25
C5 A1A34 C . -8.15 -2.78 4.24
C6 A1A34 C . -8.71 -3.38 3.13
C7 A1A34 C . -8.94 -2.67 1.98
C8 A1A34 C . -9.56 -3.32 0.76
C10 A1A34 C . -8.07 -0.70 3.09
O1 A1A34 C . -5.36 -2.62 6.34
C2 A1A34 C . -6.38 -2.45 7.01
C1 A1A34 C . -6.63 -3.27 8.25
O A1A34 C . -5.77 -4.38 8.31
C A1A34 C . -6.18 -5.52 7.56
N A1A34 C . -7.31 -1.58 6.67
C3 A1A34 C . -7.21 -0.77 5.46
C9 A1A34 C . -8.61 -1.32 1.98
S DMS D . 19.78 -3.47 1.35
O DMS D . 18.95 -3.86 2.53
C1 DMS D . 21.45 -3.06 1.92
C2 DMS D . 20.24 -4.98 0.47
#